data_5FBQ
#
_entry.id   5FBQ
#
_cell.length_a   48.759
_cell.length_b   101.155
_cell.length_c   188.486
_cell.angle_alpha   90.00
_cell.angle_beta   90.00
_cell.angle_gamma   90.00
#
_symmetry.space_group_name_H-M   'P 21 21 21'
#
loop_
_entity.id
_entity.type
_entity.pdbx_description
1 polymer 'Phosphatidylinositol 4-kinase beta,Phosphatidylinositol 4-kinase beta'
2 polymer 'Ras-related protein Rab-11A'
3 non-polymer ~{N}-[2-[[6-chloranyl-3-[3-[4-(hydroxymethyl)piperidin-1-yl]sulfonyl-4-methoxy-phenyl]-2-methyl-imidazo[1,2-b]pyridazin-8-yl]amino]ethyl]ethanamide
4 non-polymer "GUANOSINE-5'-DIPHOSPHATE"
#
loop_
_entity_poly.entity_id
_entity_poly.type
_entity_poly.pdbx_seq_one_letter_code
_entity_poly.pdbx_strand_id
1 'polypeptide(L)'
;SWLLRLFESKLFDISMAISYLYNSKEPGVQAYIGNRLFCFRNEDVDFYLPQLLNMYIHMDEDVGDAIKPYIVHRCRQSIN
FSLQCALLLGAYSSDMHISTQRHSRGTKLRKLILSDELKPAHRKRELPSLSPAPDTGLSPSKRTHQRSKSDATASISLSS
NLKRTASNPKVENEDEELSSSTESIDNSFSSPVRLAPEREFIKSLMAIGKRLATLPTKEQKTQRLISELSLLNHKLPARV
WLPTAGFDHHVVRVPHTQAVVLNSKDKAPYLIYVEVLECENFDTTSVPARIPENRRDPEDPSAVALKEPWQEKVRRIREG
SPYGHLPNWRLLSVIVKCGDDLRQELLAFQVLKQLQSIWEQERVPLWIKPYKILVISADSGMIEPVVNAVSIHQVKKQSQ
LSLLDYFLQEHGSYTTEAFLSAQRNFVQSCAGYCLVCYLLQVKDRHNGNILLDAEGHIIHIDFGFILSSSPRNLGFETSA
FKLTTEFVDVMGGLDGDMFNYYKMLMLQGLIAARKHMDKVVQIVEIMQQGSQLPCFHGSSTIRNLKERFHMSMTEEQLQL
LVEQMVDGSMRS
;
A
2 'polypeptide(L)'
;GAMGSMGTRDDEYDYLFKVVLIGDSGVGKSNLLSRFTRNEFNLESKSTIGVEFATRSIQVDGKTIKAQIWDTAGQERYRA
ITSAYYRGAVGALLVYDIAKHLTYENVERWLKELRDHADSNIVIMLVGNKSDLRHLRAVPTDEARAFAEKNGLSFIETSA
LDSTNVEAAFQTILTEIYRIVSQKQMSDRRENDMSPSNNVVPIHVPPTTENKPKVQCCQNI
;
B
#
# COMPACT_ATOMS: atom_id res chain seq x y z
N SER A 1 -30.25 26.75 2.40
CA SER A 1 -29.95 26.17 1.09
C SER A 1 -28.46 25.94 0.92
N TRP A 2 -27.66 26.57 1.77
CA TRP A 2 -26.20 26.54 1.64
C TRP A 2 -25.70 25.12 1.88
N LEU A 3 -26.38 24.40 2.76
CA LEU A 3 -26.06 23.01 3.04
C LEU A 3 -26.46 22.13 1.86
N LEU A 4 -27.74 22.20 1.51
CA LEU A 4 -28.29 21.48 0.37
C LEU A 4 -27.52 21.75 -0.93
N ARG A 5 -26.91 22.92 -1.03
CA ARG A 5 -26.11 23.26 -2.19
C ARG A 5 -24.93 22.29 -2.32
N LEU A 6 -24.18 22.14 -1.23
CA LEU A 6 -23.04 21.25 -1.19
C LEU A 6 -23.43 19.80 -1.49
N PHE A 7 -24.44 19.33 -0.79
CA PHE A 7 -24.95 17.97 -0.91
C PHE A 7 -25.40 17.58 -2.32
N GLU A 8 -25.82 18.56 -3.12
CA GLU A 8 -26.26 18.26 -4.47
C GLU A 8 -25.13 18.41 -5.49
N SER A 9 -23.97 18.84 -5.03
CA SER A 9 -22.82 19.00 -5.92
C SER A 9 -22.07 17.69 -6.12
N LYS A 10 -21.12 17.69 -7.04
CA LYS A 10 -20.31 16.52 -7.33
C LYS A 10 -19.43 16.19 -6.13
N LEU A 11 -19.07 17.23 -5.38
CA LEU A 11 -18.23 17.11 -4.19
C LEU A 11 -18.76 16.13 -3.14
N PHE A 12 -20.05 15.80 -3.22
CA PHE A 12 -20.66 14.95 -2.20
C PHE A 12 -20.28 13.48 -2.43
N ASP A 13 -19.51 12.94 -1.50
CA ASP A 13 -19.22 11.51 -1.48
C ASP A 13 -19.52 10.90 -0.11
N ILE A 14 -19.52 9.56 -0.06
CA ILE A 14 -19.80 8.82 1.17
C ILE A 14 -18.98 9.33 2.36
N SER A 15 -17.76 9.79 2.08
CA SER A 15 -16.89 10.35 3.11
C SER A 15 -17.54 11.57 3.75
N MET A 16 -17.86 12.56 2.91
CA MET A 16 -18.49 13.79 3.35
C MET A 16 -19.78 13.49 4.11
N ALA A 17 -20.58 12.57 3.57
CA ALA A 17 -21.83 12.15 4.19
C ALA A 17 -21.64 11.73 5.64
N ILE A 18 -20.68 10.84 5.87
CA ILE A 18 -20.43 10.30 7.21
C ILE A 18 -19.97 11.39 8.18
N SER A 19 -19.16 12.31 7.68
CA SER A 19 -18.63 13.39 8.51
C SER A 19 -19.78 14.24 9.07
N TYR A 20 -20.69 14.63 8.20
CA TYR A 20 -21.83 15.45 8.60
C TYR A 20 -22.78 14.65 9.49
N LEU A 21 -23.03 13.41 9.11
CA LEU A 21 -23.87 12.51 9.91
C LEU A 21 -23.34 12.37 11.33
N TYR A 22 -22.02 12.29 11.47
CA TYR A 22 -21.39 12.08 12.77
C TYR A 22 -21.46 13.35 13.62
N ASN A 23 -21.36 14.50 12.95
CA ASN A 23 -21.19 15.77 13.62
C ASN A 23 -22.48 16.58 13.71
N SER A 24 -23.20 16.67 12.58
CA SER A 24 -24.43 17.44 12.50
C SER A 24 -25.42 16.99 13.57
N LYS A 25 -26.01 17.95 14.27
CA LYS A 25 -27.05 17.68 15.26
C LYS A 25 -28.43 17.91 14.67
N GLU A 26 -28.48 18.30 13.40
CA GLU A 26 -29.74 18.57 12.72
C GLU A 26 -30.37 17.27 12.25
N PRO A 27 -31.56 16.95 12.78
CA PRO A 27 -32.26 15.71 12.43
C PRO A 27 -32.70 15.67 10.97
N GLY A 28 -32.84 16.85 10.36
CA GLY A 28 -33.26 16.94 8.98
C GLY A 28 -32.16 16.48 8.04
N VAL A 29 -30.92 16.70 8.43
CA VAL A 29 -29.76 16.31 7.63
C VAL A 29 -29.48 14.81 7.76
N GLN A 30 -29.48 14.32 8.99
CA GLN A 30 -29.29 12.91 9.28
C GLN A 30 -30.21 12.00 8.45
N ALA A 31 -31.50 12.31 8.49
CA ALA A 31 -32.49 11.54 7.73
C ALA A 31 -32.28 11.65 6.23
N TYR A 32 -31.98 12.87 5.76
CA TYR A 32 -31.70 13.11 4.35
C TYR A 32 -30.53 12.26 3.84
N ILE A 33 -29.52 12.09 4.68
CA ILE A 33 -28.32 11.37 4.28
C ILE A 33 -28.56 9.87 4.33
N GLY A 34 -29.22 9.41 5.39
CA GLY A 34 -29.69 8.04 5.49
C GLY A 34 -30.30 7.54 4.19
N ASN A 35 -31.10 8.39 3.55
CA ASN A 35 -31.72 8.08 2.27
C ASN A 35 -30.71 8.14 1.13
N ARG A 36 -29.79 9.10 1.22
CA ARG A 36 -28.82 9.34 0.15
C ARG A 36 -27.76 8.23 0.07
N LEU A 37 -27.63 7.45 1.15
CA LEU A 37 -26.68 6.33 1.15
C LEU A 37 -26.92 5.37 -0.02
N PHE A 38 -28.19 5.16 -0.35
CA PHE A 38 -28.57 4.22 -1.41
C PHE A 38 -28.01 4.55 -2.81
N CYS A 39 -27.80 5.83 -3.10
CA CYS A 39 -27.31 6.22 -4.42
C CYS A 39 -25.85 5.85 -4.64
N PHE A 40 -25.11 5.68 -3.55
CA PHE A 40 -23.67 5.41 -3.65
C PHE A 40 -23.43 3.96 -4.04
N ARG A 41 -22.25 3.68 -4.58
CA ARG A 41 -21.90 2.30 -4.93
C ARG A 41 -21.69 1.47 -3.69
N ASN A 42 -22.28 0.27 -3.68
CA ASN A 42 -22.19 -0.64 -2.56
C ASN A 42 -20.77 -0.81 -2.02
N GLU A 43 -19.80 -0.89 -2.94
CA GLU A 43 -18.42 -1.15 -2.57
C GLU A 43 -17.84 0.00 -1.76
N ASP A 44 -18.17 1.22 -2.15
CA ASP A 44 -17.59 2.41 -1.53
C ASP A 44 -18.10 2.54 -0.09
N VAL A 45 -19.39 2.26 0.08
CA VAL A 45 -20.02 2.41 1.39
C VAL A 45 -19.60 1.26 2.28
N ASP A 46 -19.44 0.08 1.68
CA ASP A 46 -19.01 -1.13 2.38
C ASP A 46 -17.78 -0.86 3.26
N PHE A 47 -16.83 -0.13 2.67
CA PHE A 47 -15.57 0.20 3.35
C PHE A 47 -15.79 0.89 4.69
N TYR A 48 -16.92 1.57 4.83
CA TYR A 48 -17.19 2.35 6.03
C TYR A 48 -18.15 1.64 6.99
N LEU A 49 -18.42 0.38 6.71
CA LEU A 49 -19.38 -0.40 7.50
C LEU A 49 -19.06 -0.41 9.01
N PRO A 50 -17.77 -0.46 9.37
CA PRO A 50 -17.44 -0.48 10.80
C PRO A 50 -17.81 0.84 11.46
N GLN A 51 -17.71 1.93 10.72
CA GLN A 51 -18.01 3.26 11.23
C GLN A 51 -19.52 3.41 11.43
N LEU A 52 -20.26 3.12 10.37
CA LEU A 52 -21.72 3.13 10.38
C LEU A 52 -22.32 2.37 11.55
N LEU A 53 -21.91 1.12 11.73
CA LEU A 53 -22.43 0.28 12.80
C LEU A 53 -22.06 0.81 14.18
N ASN A 54 -20.91 1.47 14.27
CA ASN A 54 -20.46 2.07 15.52
C ASN A 54 -21.38 3.24 15.91
N MET A 55 -21.63 4.11 14.93
CA MET A 55 -22.58 5.20 15.10
C MET A 55 -23.94 4.71 15.60
N TYR A 56 -24.49 3.72 14.91
CA TYR A 56 -25.74 3.07 15.29
C TYR A 56 -25.82 2.72 16.77
N ILE A 57 -24.75 2.11 17.28
CA ILE A 57 -24.71 1.67 18.67
C ILE A 57 -24.65 2.85 19.66
N HIS A 58 -23.72 3.77 19.43
CA HIS A 58 -23.33 4.72 20.45
C HIS A 58 -23.94 6.11 20.27
N MET A 59 -24.69 6.30 19.18
CA MET A 59 -25.24 7.61 18.87
C MET A 59 -26.74 7.66 19.14
N ASP A 60 -27.30 8.85 19.05
CA ASP A 60 -28.74 9.06 19.23
C ASP A 60 -29.58 8.16 18.33
N GLU A 61 -30.75 7.77 18.83
CA GLU A 61 -31.64 6.86 18.12
C GLU A 61 -31.94 7.40 16.73
N ASP A 62 -32.16 8.70 16.65
CA ASP A 62 -32.39 9.41 15.39
C ASP A 62 -31.34 9.02 14.35
N VAL A 63 -30.08 8.94 14.79
CA VAL A 63 -28.97 8.66 13.90
C VAL A 63 -29.05 7.20 13.45
N GLY A 64 -29.20 6.31 14.42
CA GLY A 64 -29.45 4.91 14.15
C GLY A 64 -30.57 4.70 13.15
N ASP A 65 -31.72 5.34 13.40
CA ASP A 65 -32.90 5.12 12.57
C ASP A 65 -32.65 5.57 11.13
N ALA A 66 -31.72 6.49 10.97
CA ALA A 66 -31.34 6.98 9.65
C ALA A 66 -30.44 5.96 8.96
N ILE A 67 -29.65 5.26 9.76
CA ILE A 67 -28.73 4.25 9.27
C ILE A 67 -29.42 2.92 8.96
N LYS A 68 -30.40 2.56 9.80
CA LYS A 68 -30.98 1.22 9.78
C LYS A 68 -31.50 0.76 8.43
N PRO A 69 -32.35 1.59 7.78
CA PRO A 69 -32.96 1.20 6.50
C PRO A 69 -31.96 0.71 5.45
N TYR A 70 -30.86 1.43 5.28
CA TYR A 70 -29.82 1.03 4.33
C TYR A 70 -29.19 -0.31 4.71
N ILE A 71 -28.93 -0.48 5.99
CA ILE A 71 -28.29 -1.70 6.48
C ILE A 71 -29.14 -2.92 6.22
N VAL A 72 -30.39 -2.86 6.67
CA VAL A 72 -31.35 -3.94 6.47
C VAL A 72 -31.48 -4.33 5.00
N HIS A 73 -31.59 -3.32 4.14
CA HIS A 73 -31.63 -3.53 2.69
C HIS A 73 -30.46 -4.35 2.17
N ARG A 74 -29.24 -3.98 2.57
CA ARG A 74 -28.05 -4.69 2.12
C ARG A 74 -28.03 -6.11 2.67
N CYS A 75 -28.33 -6.24 3.96
CA CYS A 75 -28.40 -7.54 4.61
C CYS A 75 -29.37 -8.46 3.87
N ARG A 76 -30.44 -7.87 3.35
CA ARG A 76 -31.48 -8.64 2.66
C ARG A 76 -31.07 -9.06 1.24
N GLN A 77 -30.08 -8.38 0.67
CA GLN A 77 -29.68 -8.65 -0.71
C GLN A 77 -28.34 -9.37 -0.75
N SER A 78 -27.73 -9.54 0.41
CA SER A 78 -26.42 -10.19 0.51
C SER A 78 -26.23 -10.79 1.89
N ILE A 79 -26.06 -12.10 1.96
CA ILE A 79 -25.85 -12.76 3.24
C ILE A 79 -24.42 -12.50 3.71
N ASN A 80 -23.51 -12.31 2.76
CA ASN A 80 -22.15 -11.89 3.07
C ASN A 80 -22.23 -10.61 3.91
N PHE A 81 -22.91 -9.61 3.36
CA PHE A 81 -23.14 -8.36 4.06
C PHE A 81 -23.79 -8.61 5.42
N SER A 82 -24.81 -9.45 5.44
CA SER A 82 -25.50 -9.83 6.66
C SER A 82 -24.52 -10.36 7.70
N LEU A 83 -23.64 -11.26 7.26
CA LEU A 83 -22.68 -11.91 8.15
C LEU A 83 -21.77 -10.88 8.82
N GLN A 84 -21.19 -10.01 8.00
CA GLN A 84 -20.21 -9.04 8.48
C GLN A 84 -20.85 -8.06 9.46
N CYS A 85 -22.08 -7.64 9.17
CA CYS A 85 -22.85 -6.82 10.09
C CYS A 85 -23.02 -7.49 11.45
N ALA A 86 -23.54 -8.72 11.44
CA ALA A 86 -23.82 -9.44 12.67
C ALA A 86 -22.57 -9.62 13.51
N LEU A 87 -21.48 -10.02 12.86
CA LEU A 87 -20.21 -10.22 13.55
C LEU A 87 -19.70 -8.91 14.16
N LEU A 88 -19.75 -7.85 13.38
CA LEU A 88 -19.33 -6.53 13.84
C LEU A 88 -20.24 -5.99 14.95
N LEU A 89 -21.55 -6.13 14.74
CA LEU A 89 -22.54 -5.72 15.73
C LEU A 89 -22.24 -6.31 17.11
N GLY A 90 -21.95 -7.61 17.15
CA GLY A 90 -21.67 -8.29 18.40
C GLY A 90 -20.38 -7.84 19.05
N ALA A 91 -19.31 -7.82 18.25
CA ALA A 91 -17.98 -7.46 18.74
C ALA A 91 -17.92 -6.07 19.38
N TYR A 92 -18.67 -5.13 18.82
CA TYR A 92 -18.60 -3.74 19.25
C TYR A 92 -19.61 -3.42 20.35
N SER A 93 -20.06 -4.43 21.06
CA SER A 93 -20.94 -4.23 22.21
C SER A 93 -20.64 -5.24 23.32
N SER A 94 -19.82 -4.83 24.28
CA SER A 94 -19.49 -5.68 25.42
C SER A 94 -19.09 -4.86 26.63
N ARG A 105 -28.72 -1.80 22.66
CA ARG A 105 -28.75 -1.04 21.41
C ARG A 105 -28.27 -1.91 20.24
N GLY A 106 -27.13 -2.53 20.43
CA GLY A 106 -26.57 -3.44 19.44
C GLY A 106 -27.42 -4.69 19.31
N THR A 107 -27.75 -5.28 20.45
CA THR A 107 -28.34 -6.61 20.52
C THR A 107 -29.66 -6.72 19.76
N LYS A 108 -30.53 -5.72 19.91
CA LYS A 108 -31.82 -5.73 19.23
C LYS A 108 -31.69 -5.96 17.73
N LEU A 109 -30.73 -5.28 17.10
CA LEU A 109 -30.58 -5.35 15.66
C LEU A 109 -29.85 -6.63 15.24
N ARG A 110 -28.86 -7.03 16.03
CA ARG A 110 -28.12 -8.26 15.75
C ARG A 110 -29.01 -9.49 15.70
N LYS A 111 -29.81 -9.70 16.75
CA LYS A 111 -30.72 -10.83 16.77
C LYS A 111 -31.72 -10.73 15.62
N LEU A 112 -32.18 -9.52 15.35
CA LEU A 112 -33.11 -9.25 14.27
C LEU A 112 -32.55 -9.46 12.87
N ILE A 113 -31.27 -9.12 12.68
CA ILE A 113 -30.65 -9.30 11.37
C ILE A 113 -30.33 -10.76 11.03
N LEU A 114 -29.74 -11.50 11.96
CA LEU A 114 -29.47 -12.91 11.75
C LEU A 114 -30.75 -13.70 11.55
N SER A 115 -31.81 -13.25 12.22
CA SER A 115 -33.15 -13.77 12.00
C SER A 115 -33.75 -13.30 10.68
N ASP A 116 -34.81 -13.97 10.25
CA ASP A 116 -35.50 -13.61 9.01
C ASP A 116 -36.33 -12.34 9.21
N GLU A 117 -36.26 -11.43 8.24
CA GLU A 117 -37.00 -10.18 8.30
C GLU A 117 -36.94 -9.44 6.96
N ARG A 194 -31.74 -18.90 7.34
CA ARG A 194 -30.82 -19.97 7.74
C ARG A 194 -29.39 -19.49 7.49
N LEU A 195 -28.68 -19.19 8.57
CA LEU A 195 -27.24 -18.94 8.51
C LEU A 195 -26.47 -19.94 9.34
N ALA A 196 -27.19 -20.94 9.85
CA ALA A 196 -26.64 -21.91 10.80
C ALA A 196 -25.40 -22.62 10.27
N PRO A 197 -25.43 -23.06 9.00
CA PRO A 197 -24.26 -23.71 8.39
C PRO A 197 -22.98 -22.89 8.53
N GLU A 198 -23.05 -21.61 8.17
CA GLU A 198 -21.87 -20.76 8.25
C GLU A 198 -21.43 -20.53 9.70
N ARG A 199 -22.37 -20.20 10.57
CA ARG A 199 -22.04 -19.91 11.97
C ARG A 199 -21.45 -21.12 12.70
N GLU A 200 -21.86 -22.32 12.31
CA GLU A 200 -21.33 -23.55 12.89
C GLU A 200 -19.95 -23.87 12.32
N PHE A 201 -19.81 -23.64 11.02
CA PHE A 201 -18.53 -23.74 10.31
C PHE A 201 -17.43 -22.92 10.98
N ILE A 202 -17.77 -21.68 11.33
CA ILE A 202 -16.83 -20.75 11.92
C ILE A 202 -16.49 -21.12 13.37
N LYS A 203 -17.52 -21.55 14.11
CA LYS A 203 -17.38 -22.01 15.49
C LYS A 203 -16.34 -23.14 15.61
N SER A 204 -16.39 -24.11 14.70
CA SER A 204 -15.50 -25.25 14.74
C SER A 204 -14.04 -24.83 14.56
N LEU A 205 -13.77 -23.97 13.59
CA LEU A 205 -12.44 -23.41 13.37
C LEU A 205 -11.89 -22.78 14.65
N MET A 206 -12.72 -22.00 15.32
CA MET A 206 -12.35 -21.40 16.60
C MET A 206 -12.08 -22.47 17.65
N ALA A 207 -12.95 -23.48 17.67
CA ALA A 207 -12.86 -24.56 18.65
C ALA A 207 -11.55 -25.31 18.53
N ILE A 208 -11.19 -25.67 17.31
CA ILE A 208 -9.89 -26.28 17.01
C ILE A 208 -8.75 -25.52 17.67
N GLY A 209 -8.63 -24.23 17.36
CA GLY A 209 -7.54 -23.42 17.87
C GLY A 209 -7.40 -23.42 19.38
N LYS A 210 -8.52 -23.39 20.09
CA LYS A 210 -8.50 -23.37 21.54
C LYS A 210 -7.95 -24.67 22.11
N ARG A 211 -8.19 -25.76 21.39
CA ARG A 211 -7.76 -27.08 21.81
C ARG A 211 -6.25 -27.23 21.74
N LEU A 212 -5.64 -26.63 20.72
CA LEU A 212 -4.20 -26.70 20.49
C LEU A 212 -3.38 -26.12 21.65
N ALA A 213 -4.05 -25.45 22.57
CA ALA A 213 -3.41 -24.83 23.73
C ALA A 213 -2.68 -25.86 24.60
N THR A 214 -3.18 -27.08 24.63
CA THR A 214 -2.58 -28.15 25.43
C THR A 214 -1.29 -28.71 24.82
N LEU A 215 -1.01 -28.37 23.57
CA LEU A 215 0.23 -28.83 22.92
C LEU A 215 1.31 -27.75 22.91
N PRO A 216 2.35 -27.93 23.73
CA PRO A 216 3.34 -26.89 24.05
C PRO A 216 4.34 -26.63 22.93
N THR A 217 4.36 -27.45 21.90
CA THR A 217 5.26 -27.22 20.77
C THR A 217 4.54 -26.97 19.45
N LYS A 218 5.14 -26.16 18.60
CA LYS A 218 4.63 -25.84 17.28
C LYS A 218 4.25 -27.07 16.45
N GLU A 219 5.22 -27.98 16.28
CA GLU A 219 5.01 -29.19 15.49
C GLU A 219 3.87 -30.06 15.98
N GLN A 220 3.75 -30.21 17.30
CA GLN A 220 2.66 -30.99 17.87
C GLN A 220 1.31 -30.37 17.56
N LYS A 221 1.23 -29.04 17.65
CA LYS A 221 -0.02 -28.36 17.34
C LYS A 221 -0.43 -28.66 15.92
N THR A 222 0.51 -28.47 14.99
CA THR A 222 0.31 -28.73 13.57
C THR A 222 -0.29 -30.11 13.27
N GLN A 223 0.28 -31.15 13.87
CA GLN A 223 -0.22 -32.50 13.70
C GLN A 223 -1.63 -32.70 14.25
N ARG A 224 -1.93 -32.02 15.36
CA ARG A 224 -3.26 -32.13 15.96
C ARG A 224 -4.24 -31.40 15.07
N LEU A 225 -3.78 -30.28 14.51
CA LEU A 225 -4.58 -29.46 13.59
C LEU A 225 -4.97 -30.27 12.36
N ILE A 226 -3.97 -30.84 11.71
CA ILE A 226 -4.16 -31.59 10.47
C ILE A 226 -5.19 -32.69 10.63
N SER A 227 -5.06 -33.47 11.70
CA SER A 227 -6.00 -34.55 12.00
C SER A 227 -7.41 -34.00 12.12
N GLU A 228 -7.58 -32.96 12.93
CA GLU A 228 -8.89 -32.43 13.25
C GLU A 228 -9.49 -31.71 12.04
N LEU A 229 -8.62 -31.15 11.20
CA LEU A 229 -9.03 -30.56 9.93
C LEU A 229 -9.61 -31.61 8.98
N SER A 230 -9.07 -32.81 9.03
CA SER A 230 -9.54 -33.90 8.15
C SER A 230 -11.00 -34.26 8.42
N LEU A 231 -11.43 -34.08 9.67
CA LEU A 231 -12.80 -34.36 10.08
C LEU A 231 -13.74 -33.32 9.47
N LEU A 232 -13.18 -32.15 9.20
CA LEU A 232 -13.90 -31.06 8.57
C LEU A 232 -14.32 -31.51 7.18
N ASN A 233 -13.41 -32.21 6.51
CA ASN A 233 -13.55 -32.65 5.14
C ASN A 233 -14.76 -33.58 4.98
N HIS A 234 -15.06 -34.27 6.06
CA HIS A 234 -16.18 -35.21 6.10
C HIS A 234 -17.46 -34.42 5.80
N LYS A 235 -17.53 -33.22 6.35
CA LYS A 235 -18.53 -32.22 6.01
C LYS A 235 -18.21 -31.20 4.89
N LEU A 236 -17.54 -31.57 3.81
CA LEU A 236 -16.92 -30.54 2.99
C LEU A 236 -17.94 -29.78 2.13
N PRO A 237 -18.80 -30.48 1.43
CA PRO A 237 -19.64 -29.73 0.52
C PRO A 237 -20.82 -29.29 1.34
N ALA A 238 -20.90 -27.98 1.54
CA ALA A 238 -21.83 -27.41 2.49
C ALA A 238 -22.11 -25.97 2.15
N ARG A 239 -23.14 -25.40 2.77
CA ARG A 239 -23.50 -24.01 2.53
C ARG A 239 -22.67 -23.05 3.39
N VAL A 240 -21.41 -22.93 3.03
CA VAL A 240 -20.53 -21.91 3.58
C VAL A 240 -19.36 -21.42 2.73
N TRP A 241 -18.91 -20.22 3.06
CA TRP A 241 -18.02 -19.41 2.24
C TRP A 241 -17.05 -18.65 3.15
N LEU A 242 -16.00 -18.09 2.58
CA LEU A 242 -15.07 -17.24 3.33
C LEU A 242 -15.33 -15.76 3.06
N PRO A 243 -15.94 -15.07 4.03
CA PRO A 243 -16.19 -13.62 3.95
C PRO A 243 -14.95 -12.80 3.59
N THR A 244 -13.77 -13.32 3.91
CA THR A 244 -12.53 -12.63 3.60
C THR A 244 -12.19 -12.66 2.11
N ALA A 245 -13.02 -13.37 1.34
CA ALA A 245 -12.79 -13.51 -0.10
C ALA A 245 -13.38 -12.33 -0.84
N GLY A 246 -12.66 -11.85 -1.86
CA GLY A 246 -13.12 -10.75 -2.69
C GLY A 246 -14.47 -10.99 -3.34
N PHE A 247 -14.91 -12.25 -3.35
CA PHE A 247 -16.04 -12.66 -4.18
C PHE A 247 -16.93 -13.67 -3.45
N ASP A 248 -18.04 -14.03 -4.08
CA ASP A 248 -18.93 -15.05 -3.55
C ASP A 248 -18.44 -16.41 -4.02
N HIS A 249 -18.62 -17.43 -3.19
CA HIS A 249 -18.09 -18.75 -3.50
C HIS A 249 -18.61 -19.83 -2.55
N HIS A 250 -18.30 -21.07 -2.88
CA HIS A 250 -18.49 -22.18 -1.95
C HIS A 250 -17.13 -22.80 -1.62
N VAL A 251 -16.93 -23.12 -0.35
CA VAL A 251 -15.76 -23.86 0.08
C VAL A 251 -15.92 -25.35 -0.22
N VAL A 252 -14.93 -25.93 -0.87
CA VAL A 252 -15.01 -27.32 -1.27
C VAL A 252 -14.05 -28.19 -0.47
N ARG A 253 -12.86 -27.68 -0.16
CA ARG A 253 -11.84 -28.58 0.39
C ARG A 253 -10.78 -27.88 1.20
N VAL A 254 -10.35 -28.55 2.26
CA VAL A 254 -9.25 -28.08 3.09
C VAL A 254 -8.08 -29.05 2.97
N PRO A 255 -7.00 -28.62 2.31
CA PRO A 255 -5.80 -29.45 2.22
C PRO A 255 -5.10 -29.49 3.58
N HIS A 256 -5.68 -30.23 4.51
CA HIS A 256 -5.23 -30.25 5.89
C HIS A 256 -3.73 -30.53 6.03
N THR A 257 -3.20 -31.39 5.17
CA THR A 257 -1.78 -31.73 5.22
C THR A 257 -0.91 -30.49 4.99
N GLN A 258 -1.49 -29.47 4.36
CA GLN A 258 -0.77 -28.25 4.03
C GLN A 258 -0.82 -27.20 5.14
N ALA A 259 -1.76 -27.39 6.07
CA ALA A 259 -1.93 -26.43 7.16
C ALA A 259 -0.75 -26.43 8.13
N VAL A 260 -0.48 -25.26 8.69
CA VAL A 260 0.65 -25.09 9.61
C VAL A 260 0.31 -24.10 10.72
N VAL A 261 0.91 -24.29 11.89
CA VAL A 261 0.70 -23.38 13.01
C VAL A 261 1.86 -22.40 13.09
N LEU A 262 1.56 -21.14 13.40
CA LEU A 262 2.52 -20.07 13.17
C LEU A 262 3.38 -19.72 14.40
N ASN A 263 2.88 -20.03 15.60
CA ASN A 263 3.72 -19.90 16.78
C ASN A 263 3.37 -20.88 17.91
N SER A 264 4.16 -20.82 18.98
CA SER A 264 4.02 -21.71 20.13
C SER A 264 3.17 -21.17 21.28
N LYS A 265 2.51 -20.03 21.06
CA LYS A 265 1.77 -19.39 22.15
C LYS A 265 0.54 -20.17 22.61
N ASP A 266 0.01 -19.78 23.77
CA ASP A 266 -1.09 -20.46 24.43
C ASP A 266 -2.31 -20.59 23.51
N LYS A 267 -2.71 -19.48 22.93
CA LYS A 267 -3.81 -19.47 21.97
C LYS A 267 -3.25 -19.07 20.61
N ALA A 268 -2.36 -19.92 20.11
CA ALA A 268 -1.61 -19.68 18.89
C ALA A 268 -2.53 -19.61 17.67
N PRO A 269 -2.24 -18.66 16.76
CA PRO A 269 -2.96 -18.60 15.49
C PRO A 269 -2.41 -19.65 14.52
N TYR A 270 -3.23 -20.05 13.55
CA TYR A 270 -2.82 -21.05 12.58
C TYR A 270 -3.28 -20.76 11.17
N LEU A 271 -2.44 -21.09 10.20
CA LEU A 271 -2.69 -20.77 8.80
C LEU A 271 -3.23 -22.01 8.09
N ILE A 272 -4.27 -21.82 7.29
CA ILE A 272 -4.84 -22.92 6.52
C ILE A 272 -5.08 -22.53 5.07
N TYR A 273 -5.05 -23.53 4.19
CA TYR A 273 -5.42 -23.34 2.80
C TYR A 273 -6.82 -23.92 2.55
N VAL A 274 -7.61 -23.22 1.76
CA VAL A 274 -8.98 -23.63 1.50
C VAL A 274 -9.28 -23.68 0.01
N GLU A 275 -9.99 -24.73 -0.41
CA GLU A 275 -10.38 -24.86 -1.80
C GLU A 275 -11.82 -24.36 -1.98
N VAL A 276 -12.07 -23.68 -3.09
CA VAL A 276 -13.40 -23.11 -3.33
C VAL A 276 -13.80 -23.19 -4.79
N LEU A 277 -15.11 -23.19 -5.04
CA LEU A 277 -15.63 -23.05 -6.39
C LEU A 277 -16.34 -21.71 -6.53
N GLU A 278 -15.84 -20.87 -7.43
CA GLU A 278 -16.34 -19.51 -7.58
C GLU A 278 -17.82 -19.48 -7.96
N CYS A 279 -18.53 -18.46 -7.50
CA CYS A 279 -19.92 -18.24 -7.90
C CYS A 279 -20.04 -16.96 -8.74
N GLU A 280 -21.17 -16.82 -9.43
CA GLU A 280 -21.56 -15.50 -9.93
C GLU A 280 -22.40 -14.79 -8.88
N ASN A 281 -23.22 -15.55 -8.18
CA ASN A 281 -23.85 -15.08 -6.95
C ASN A 281 -24.13 -16.23 -5.99
N PHE A 282 -23.67 -16.11 -4.76
CA PHE A 282 -23.89 -17.13 -3.74
C PHE A 282 -25.37 -17.30 -3.41
N ASP A 283 -26.10 -16.19 -3.40
CA ASP A 283 -27.43 -16.14 -2.80
C ASP A 283 -28.51 -16.89 -3.61
N THR A 284 -28.20 -17.20 -4.86
CA THR A 284 -29.22 -17.80 -5.73
C THR A 284 -28.81 -19.16 -6.28
N THR A 285 -27.72 -19.73 -5.75
CA THR A 285 -27.09 -20.85 -6.41
C THR A 285 -26.97 -22.09 -5.51
N SER A 286 -27.32 -23.24 -6.07
CA SER A 286 -27.33 -24.50 -5.33
C SER A 286 -25.92 -24.88 -4.88
N VAL A 287 -25.81 -25.38 -3.65
CA VAL A 287 -24.53 -25.86 -3.14
C VAL A 287 -24.06 -27.04 -3.98
N PRO A 288 -22.77 -27.06 -4.34
CA PRO A 288 -22.21 -28.13 -5.18
C PRO A 288 -22.26 -29.52 -4.54
N ALA A 289 -22.02 -30.53 -5.36
CA ALA A 289 -22.07 -31.93 -4.94
C ALA A 289 -20.69 -32.42 -4.52
N ARG A 290 -20.65 -33.36 -3.57
CA ARG A 290 -19.38 -33.88 -3.09
C ARG A 290 -18.60 -34.58 -4.20
N ILE A 291 -17.28 -34.44 -4.15
CA ILE A 291 -16.37 -35.16 -5.02
C ILE A 291 -15.34 -35.94 -4.21
N PRO A 292 -15.30 -37.26 -4.37
CA PRO A 292 -14.74 -38.21 -3.40
C PRO A 292 -13.21 -38.13 -3.30
N GLU A 293 -12.71 -38.02 -2.08
CA GLU A 293 -11.28 -38.11 -1.81
C GLU A 293 -10.71 -39.47 -2.22
N ASN A 294 -9.80 -39.44 -3.19
CA ASN A 294 -8.84 -40.52 -3.36
C ASN A 294 -8.00 -40.76 -2.11
N VAL A 304 1.94 -33.77 0.47
CA VAL A 304 3.16 -33.43 1.17
C VAL A 304 3.34 -31.91 1.25
N ALA A 305 3.79 -31.44 2.41
CA ALA A 305 3.91 -30.01 2.67
C ALA A 305 5.37 -29.61 2.86
N LEU A 306 5.83 -28.66 2.04
CA LEU A 306 7.18 -28.12 2.20
C LEU A 306 7.25 -26.64 1.85
N LYS A 307 8.34 -26.01 2.24
CA LYS A 307 8.62 -24.61 1.91
C LYS A 307 8.72 -24.36 0.40
N GLU A 308 7.71 -23.67 -0.14
CA GLU A 308 7.68 -23.40 -1.57
C GLU A 308 6.87 -22.13 -1.86
N PRO A 309 7.21 -21.43 -2.95
CA PRO A 309 6.46 -20.28 -3.45
C PRO A 309 4.97 -20.56 -3.60
N TRP A 310 4.16 -19.50 -3.68
CA TRP A 310 2.71 -19.65 -3.67
C TRP A 310 2.19 -20.36 -4.91
N GLN A 311 2.70 -19.96 -6.07
CA GLN A 311 2.21 -20.52 -7.33
C GLN A 311 2.64 -21.98 -7.47
N GLU A 312 3.79 -22.31 -6.90
CA GLU A 312 4.26 -23.69 -6.86
C GLU A 312 3.40 -24.53 -5.93
N LYS A 313 2.86 -23.87 -4.90
CA LYS A 313 2.00 -24.53 -3.93
C LYS A 313 0.61 -24.81 -4.48
N VAL A 314 0.13 -23.90 -5.33
CA VAL A 314 -1.16 -24.10 -5.98
C VAL A 314 -1.12 -25.28 -6.94
N ARG A 315 -0.06 -25.35 -7.73
CA ARG A 315 0.18 -26.47 -8.64
C ARG A 315 0.07 -27.81 -7.92
N ARG A 316 0.90 -27.99 -6.89
CA ARG A 316 0.99 -29.24 -6.15
C ARG A 316 -0.36 -29.64 -5.55
N ILE A 317 -1.05 -28.65 -4.97
CA ILE A 317 -2.33 -28.87 -4.33
C ILE A 317 -3.38 -29.17 -5.39
N ARG A 318 -3.32 -28.44 -6.50
CA ARG A 318 -4.32 -28.60 -7.56
C ARG A 318 -4.33 -30.02 -8.11
N GLU A 319 -3.14 -30.48 -8.51
CA GLU A 319 -2.95 -31.79 -9.10
C GLU A 319 -3.47 -32.91 -8.20
N GLY A 320 -3.30 -32.74 -6.90
CA GLY A 320 -3.82 -33.67 -5.91
C GLY A 320 -5.29 -33.56 -5.59
N SER A 321 -5.91 -32.44 -5.94
CA SER A 321 -7.27 -32.17 -5.50
C SER A 321 -8.30 -32.80 -6.44
N PRO A 322 -9.35 -33.41 -5.85
CA PRO A 322 -10.55 -33.90 -6.55
C PRO A 322 -11.17 -32.88 -7.48
N TYR A 323 -11.29 -31.64 -7.02
CA TYR A 323 -12.00 -30.60 -7.75
C TYR A 323 -11.11 -29.87 -8.74
N GLY A 324 -9.82 -30.20 -8.74
CA GLY A 324 -8.84 -29.43 -9.45
C GLY A 324 -9.08 -29.38 -10.95
N HIS A 325 -9.70 -30.42 -11.49
CA HIS A 325 -9.99 -30.48 -12.92
C HIS A 325 -10.98 -29.38 -13.34
N LEU A 326 -11.88 -29.02 -12.44
CA LEU A 326 -12.91 -28.04 -12.75
C LEU A 326 -12.31 -26.66 -13.01
N PRO A 327 -12.90 -25.92 -13.96
CA PRO A 327 -12.45 -24.57 -14.26
C PRO A 327 -12.91 -23.61 -13.15
N ASN A 328 -13.92 -24.05 -12.43
CA ASN A 328 -14.52 -23.25 -11.36
C ASN A 328 -13.62 -23.12 -10.13
N TRP A 329 -12.51 -23.86 -10.13
CA TRP A 329 -11.78 -24.11 -8.88
C TRP A 329 -10.67 -23.10 -8.62
N ARG A 330 -10.60 -22.61 -7.39
CA ARG A 330 -9.55 -21.68 -6.96
C ARG A 330 -9.15 -21.98 -5.52
N LEU A 331 -7.92 -21.60 -5.17
CA LEU A 331 -7.40 -21.85 -3.82
C LEU A 331 -7.28 -20.57 -2.99
N LEU A 332 -7.86 -20.58 -1.80
CA LEU A 332 -7.76 -19.45 -0.90
C LEU A 332 -6.96 -19.79 0.36
N SER A 333 -6.72 -18.79 1.20
CA SER A 333 -5.96 -18.96 2.42
C SER A 333 -6.39 -17.95 3.49
N VAL A 334 -6.47 -18.40 4.74
CA VAL A 334 -6.71 -17.48 5.85
C VAL A 334 -5.95 -17.88 7.11
N ILE A 335 -5.54 -16.87 7.89
CA ILE A 335 -4.98 -17.10 9.21
C ILE A 335 -6.07 -17.01 10.28
N VAL A 336 -6.08 -17.97 11.20
CA VAL A 336 -7.09 -18.00 12.25
C VAL A 336 -6.55 -17.63 13.63
N LYS A 337 -7.06 -16.53 14.19
CA LYS A 337 -6.68 -16.08 15.53
C LYS A 337 -7.84 -16.28 16.49
N CYS A 338 -7.73 -17.31 17.33
CA CYS A 338 -8.84 -17.67 18.21
C CYS A 338 -8.93 -16.85 19.50
N GLY A 339 -7.80 -16.35 19.98
CA GLY A 339 -7.79 -15.61 21.23
C GLY A 339 -7.21 -14.20 21.20
N ASP A 340 -7.15 -13.59 20.02
CA ASP A 340 -6.59 -12.24 19.90
C ASP A 340 -7.61 -11.26 19.35
N ASP A 341 -7.69 -10.08 19.97
CA ASP A 341 -8.61 -9.05 19.49
C ASP A 341 -8.07 -8.46 18.20
N LEU A 342 -8.97 -8.26 17.23
CA LEU A 342 -8.57 -7.72 15.94
C LEU A 342 -9.26 -6.40 15.61
N ARG A 343 -9.79 -5.73 16.63
CA ARG A 343 -10.57 -4.52 16.38
C ARG A 343 -9.62 -3.35 16.14
N GLN A 344 -8.53 -3.33 16.88
CA GLN A 344 -7.45 -2.39 16.63
C GLN A 344 -6.81 -2.69 15.28
N GLU A 345 -6.70 -3.99 14.98
CA GLU A 345 -6.08 -4.46 13.75
C GLU A 345 -6.88 -3.99 12.53
N LEU A 346 -8.20 -4.09 12.65
CA LEU A 346 -9.12 -3.60 11.63
C LEU A 346 -9.00 -2.10 11.41
N LEU A 347 -8.92 -1.34 12.51
CA LEU A 347 -8.78 0.10 12.44
C LEU A 347 -7.54 0.49 11.65
N ALA A 348 -6.43 -0.18 11.93
CA ALA A 348 -5.17 0.10 11.24
C ALA A 348 -5.31 -0.17 9.75
N PHE A 349 -6.09 -1.21 9.42
CA PHE A 349 -6.29 -1.62 8.03
C PHE A 349 -6.93 -0.51 7.21
N GLN A 350 -7.99 0.08 7.74
CA GLN A 350 -8.69 1.17 7.07
C GLN A 350 -7.75 2.35 6.85
N VAL A 351 -6.95 2.67 7.86
CA VAL A 351 -5.99 3.77 7.77
C VAL A 351 -4.94 3.49 6.70
N LEU A 352 -4.48 2.25 6.63
CA LEU A 352 -3.45 1.87 5.67
C LEU A 352 -4.01 1.97 4.25
N LYS A 353 -5.28 1.58 4.12
CA LYS A 353 -5.94 1.57 2.82
C LYS A 353 -6.15 3.00 2.33
N GLN A 354 -6.56 3.88 3.24
CA GLN A 354 -6.71 5.30 2.94
C GLN A 354 -5.38 5.93 2.56
N LEU A 355 -4.35 5.69 3.37
CA LEU A 355 -3.03 6.25 3.11
C LEU A 355 -2.52 5.77 1.76
N GLN A 356 -2.90 4.54 1.42
CA GLN A 356 -2.50 3.94 0.15
C GLN A 356 -3.16 4.72 -1.00
N SER A 357 -4.45 5.00 -0.83
CA SER A 357 -5.22 5.78 -1.80
C SER A 357 -4.70 7.21 -1.91
N ILE A 358 -4.40 7.83 -0.77
CA ILE A 358 -3.86 9.18 -0.76
C ILE A 358 -2.60 9.24 -1.61
N TRP A 359 -1.70 8.28 -1.38
CA TRP A 359 -0.42 8.25 -2.08
C TRP A 359 -0.65 7.83 -3.52
N GLU A 360 -1.74 7.10 -3.75
CA GLU A 360 -2.17 6.74 -5.09
C GLU A 360 -2.74 7.93 -5.86
N GLN A 361 -3.57 8.73 -5.20
CA GLN A 361 -4.18 9.90 -5.84
C GLN A 361 -3.11 10.92 -6.24
N GLU A 362 -2.31 11.31 -5.26
CA GLU A 362 -1.04 11.97 -5.51
C GLU A 362 -0.08 10.98 -6.17
N ARG A 363 1.12 11.42 -6.54
CA ARG A 363 1.99 10.52 -7.27
C ARG A 363 3.29 10.28 -6.50
N VAL A 364 3.14 9.60 -5.37
CA VAL A 364 4.22 9.33 -4.45
C VAL A 364 4.45 7.83 -4.46
N PRO A 365 5.65 7.39 -4.87
CA PRO A 365 5.80 5.95 -5.06
C PRO A 365 6.19 5.20 -3.79
N LEU A 366 5.59 5.58 -2.66
CA LEU A 366 5.66 4.76 -1.47
C LEU A 366 4.96 3.42 -1.74
N TRP A 367 5.30 2.40 -0.96
CA TRP A 367 4.69 1.09 -1.16
C TRP A 367 4.27 0.52 0.19
N ILE A 368 3.03 0.08 0.29
CA ILE A 368 2.57 -0.65 1.46
C ILE A 368 1.56 -1.72 1.07
N LYS A 369 1.29 -2.63 2.01
CA LYS A 369 0.39 -3.74 1.73
C LYS A 369 -0.57 -3.95 2.90
N PRO A 370 -1.79 -3.42 2.77
CA PRO A 370 -2.89 -3.75 3.69
C PRO A 370 -3.35 -5.19 3.55
N TYR A 371 -3.54 -5.88 4.67
CA TYR A 371 -4.09 -7.23 4.64
C TYR A 371 -5.47 -7.25 5.27
N LYS A 372 -6.40 -7.93 4.62
CA LYS A 372 -7.80 -7.93 5.06
C LYS A 372 -7.95 -8.48 6.47
N ILE A 373 -8.92 -7.94 7.20
CA ILE A 373 -9.14 -8.32 8.59
C ILE A 373 -10.59 -8.72 8.76
N LEU A 374 -10.84 -9.75 9.56
CA LEU A 374 -12.21 -10.10 9.92
C LEU A 374 -12.44 -10.26 11.41
N VAL A 375 -13.19 -9.33 11.98
CA VAL A 375 -13.57 -9.44 13.38
C VAL A 375 -14.70 -10.45 13.48
N ILE A 376 -14.55 -11.44 14.35
CA ILE A 376 -15.58 -12.45 14.55
C ILE A 376 -16.14 -12.27 15.95
N SER A 377 -15.25 -11.97 16.89
CA SER A 377 -15.61 -11.60 18.23
C SER A 377 -14.55 -10.63 18.73
N ALA A 378 -14.70 -10.14 19.95
CA ALA A 378 -13.65 -9.33 20.54
C ALA A 378 -12.46 -10.24 20.88
N ASP A 379 -12.78 -11.51 21.08
CA ASP A 379 -11.78 -12.58 21.24
C ASP A 379 -11.02 -12.95 19.97
N SER A 380 -11.73 -13.12 18.85
CA SER A 380 -11.21 -13.89 17.72
C SER A 380 -11.52 -13.29 16.34
N GLY A 381 -10.65 -13.60 15.38
CA GLY A 381 -10.75 -13.06 14.04
C GLY A 381 -9.99 -13.89 13.01
N MET A 382 -10.10 -13.52 11.74
CA MET A 382 -9.28 -14.13 10.69
C MET A 382 -8.48 -13.08 9.91
N ILE A 383 -7.39 -13.52 9.30
CA ILE A 383 -6.58 -12.66 8.44
C ILE A 383 -6.29 -13.28 7.08
N GLU A 384 -6.46 -12.50 6.02
CA GLU A 384 -6.01 -12.91 4.69
C GLU A 384 -4.51 -12.65 4.52
N PRO A 385 -3.72 -13.72 4.37
CA PRO A 385 -2.26 -13.59 4.37
C PRO A 385 -1.66 -13.14 3.05
N VAL A 386 -0.50 -12.49 3.14
CA VAL A 386 0.35 -12.19 1.99
C VAL A 386 1.10 -13.45 1.57
N VAL A 387 1.00 -13.83 0.30
CA VAL A 387 1.79 -14.95 -0.20
C VAL A 387 3.16 -14.51 -0.70
N ASN A 388 4.06 -15.48 -0.87
CA ASN A 388 5.44 -15.20 -1.27
C ASN A 388 6.14 -14.25 -0.30
N ALA A 389 5.99 -14.51 1.00
CA ALA A 389 6.63 -13.69 2.02
C ALA A 389 6.91 -14.51 3.28
N VAL A 390 8.03 -14.22 3.93
CA VAL A 390 8.36 -14.86 5.20
C VAL A 390 9.08 -13.92 6.16
N SER A 391 8.96 -14.21 7.46
CA SER A 391 9.47 -13.35 8.51
C SER A 391 10.97 -13.13 8.41
N ILE A 392 11.41 -11.93 8.80
CA ILE A 392 12.83 -11.58 8.84
C ILE A 392 13.60 -12.57 9.72
N HIS A 393 13.00 -12.91 10.86
CA HIS A 393 13.64 -13.75 11.86
C HIS A 393 14.00 -15.11 11.28
N GLN A 394 13.07 -15.69 10.53
CA GLN A 394 13.27 -17.02 9.96
C GLN A 394 14.16 -16.96 8.72
N VAL A 395 14.08 -15.84 8.01
CA VAL A 395 15.01 -15.54 6.93
C VAL A 395 16.45 -15.60 7.42
N LYS A 396 16.65 -15.18 8.66
CA LYS A 396 17.98 -15.17 9.27
C LYS A 396 18.37 -16.52 9.86
N LYS A 397 17.38 -17.35 10.16
CA LYS A 397 17.65 -18.67 10.73
C LYS A 397 17.93 -19.76 9.71
N GLN A 398 17.28 -19.72 8.55
CA GLN A 398 17.64 -20.67 7.50
C GLN A 398 18.89 -20.25 6.73
N SER A 399 19.03 -18.97 6.45
CA SER A 399 20.20 -18.49 5.72
C SER A 399 21.43 -18.41 6.62
N GLN A 400 21.21 -18.06 7.87
CA GLN A 400 22.30 -17.73 8.79
C GLN A 400 23.04 -16.48 8.29
N LEU A 401 22.40 -15.75 7.39
CA LEU A 401 23.00 -14.56 6.78
C LEU A 401 22.47 -13.24 7.33
N SER A 402 23.20 -12.17 7.02
CA SER A 402 22.70 -10.81 7.16
C SER A 402 21.76 -10.43 6.01
N LEU A 403 20.83 -9.53 6.30
CA LEU A 403 19.80 -9.10 5.35
C LEU A 403 20.33 -8.75 3.96
N LEU A 404 21.41 -7.97 3.91
CA LEU A 404 22.04 -7.63 2.64
C LEU A 404 22.52 -8.88 1.92
N ASP A 405 23.22 -9.74 2.65
CA ASP A 405 23.71 -11.00 2.11
C ASP A 405 22.58 -11.85 1.53
N TYR A 406 21.44 -11.87 2.22
CA TYR A 406 20.27 -12.62 1.75
C TYR A 406 19.71 -12.08 0.45
N PHE A 407 19.61 -10.76 0.33
CA PHE A 407 19.20 -10.14 -0.92
C PHE A 407 20.06 -10.56 -2.11
N LEU A 408 21.38 -10.51 -1.93
CA LEU A 408 22.31 -10.89 -2.98
C LEU A 408 22.18 -12.35 -3.37
N GLN A 409 22.02 -13.21 -2.37
CA GLN A 409 21.78 -14.63 -2.60
C GLN A 409 20.49 -14.89 -3.37
N GLU A 410 19.41 -14.23 -2.95
CA GLU A 410 18.08 -14.58 -3.43
C GLU A 410 17.71 -13.85 -4.72
N HIS A 411 18.41 -12.76 -5.02
CA HIS A 411 18.09 -11.98 -6.20
C HIS A 411 19.26 -11.84 -7.18
N GLY A 412 20.45 -11.61 -6.64
CA GLY A 412 21.67 -11.56 -7.42
C GLY A 412 22.55 -10.44 -6.89
N SER A 413 23.71 -10.20 -7.52
CA SER A 413 24.59 -9.14 -7.04
C SER A 413 23.98 -7.75 -7.30
N TYR A 414 24.50 -6.72 -6.65
CA TYR A 414 23.99 -5.36 -6.82
C TYR A 414 23.98 -4.88 -8.29
N THR A 415 24.86 -5.47 -9.10
CA THR A 415 24.85 -5.25 -10.54
C THR A 415 23.79 -5.96 -11.37
N THR A 416 22.93 -6.75 -10.73
CA THR A 416 21.89 -7.42 -11.49
C THR A 416 20.63 -6.54 -11.46
N GLU A 417 19.77 -6.71 -12.47
CA GLU A 417 18.51 -5.99 -12.52
C GLU A 417 17.61 -6.39 -11.35
N ALA A 418 17.45 -7.70 -11.18
CA ALA A 418 16.61 -8.26 -10.13
C ALA A 418 16.90 -7.67 -8.74
N PHE A 419 18.17 -7.38 -8.48
CA PHE A 419 18.56 -6.80 -7.20
C PHE A 419 18.15 -5.33 -7.09
N LEU A 420 18.50 -4.55 -8.09
CA LEU A 420 18.25 -3.10 -8.07
C LEU A 420 16.75 -2.84 -8.01
N SER A 421 16.00 -3.67 -8.71
CA SER A 421 14.54 -3.66 -8.63
C SER A 421 14.08 -3.98 -7.22
N ALA A 422 14.67 -5.03 -6.64
CA ALA A 422 14.34 -5.46 -5.28
C ALA A 422 14.73 -4.40 -4.26
N GLN A 423 15.87 -3.76 -4.48
CA GLN A 423 16.35 -2.69 -3.61
C GLN A 423 15.36 -1.52 -3.65
N ARG A 424 14.94 -1.18 -4.86
CA ARG A 424 13.96 -0.12 -5.09
C ARG A 424 12.66 -0.42 -4.36
N ASN A 425 12.16 -1.64 -4.51
CA ASN A 425 10.97 -2.09 -3.81
C ASN A 425 11.13 -2.04 -2.29
N PHE A 426 12.33 -2.36 -1.82
CA PHE A 426 12.68 -2.25 -0.41
C PHE A 426 12.54 -0.82 0.10
N VAL A 427 13.22 0.10 -0.57
CA VAL A 427 13.30 1.50 -0.16
C VAL A 427 11.93 2.16 -0.08
N GLN A 428 11.11 1.89 -1.09
CA GLN A 428 9.76 2.45 -1.15
C GLN A 428 8.85 1.89 -0.05
N SER A 429 9.03 0.60 0.26
CA SER A 429 8.23 -0.02 1.31
C SER A 429 8.68 0.40 2.71
N CYS A 430 9.96 0.73 2.84
CA CYS A 430 10.50 1.22 4.10
C CYS A 430 9.94 2.60 4.45
N ALA A 431 9.96 3.49 3.47
CA ALA A 431 9.47 4.85 3.65
C ALA A 431 7.98 4.86 3.97
N GLY A 432 7.22 4.08 3.22
CA GLY A 432 5.80 3.88 3.47
C GLY A 432 5.47 3.51 4.90
N TYR A 433 6.07 2.42 5.36
CA TYR A 433 5.70 1.84 6.65
C TYR A 433 6.25 2.68 7.81
N CYS A 434 7.35 3.39 7.55
CA CYS A 434 7.89 4.34 8.52
C CYS A 434 6.82 5.38 8.84
N LEU A 435 6.21 5.92 7.79
CA LEU A 435 5.23 6.99 7.92
C LEU A 435 4.00 6.48 8.67
N VAL A 436 3.58 5.26 8.35
CA VAL A 436 2.47 4.60 9.02
C VAL A 436 2.77 4.40 10.50
N CYS A 437 3.97 3.94 10.80
CA CYS A 437 4.40 3.71 12.18
C CYS A 437 4.37 5.00 12.97
N TYR A 438 4.86 6.08 12.37
CA TYR A 438 4.90 7.39 13.01
C TYR A 438 3.50 7.93 13.26
N LEU A 439 2.71 8.02 12.20
CA LEU A 439 1.36 8.55 12.27
C LEU A 439 0.48 7.80 13.29
N LEU A 440 0.54 6.48 13.26
CA LEU A 440 -0.22 5.66 14.21
C LEU A 440 0.52 5.42 15.52
N GLN A 441 1.74 5.95 15.62
CA GLN A 441 2.62 5.68 16.76
C GLN A 441 2.67 4.18 17.09
N VAL A 442 3.09 3.39 16.10
CA VAL A 442 3.27 1.95 16.29
C VAL A 442 4.52 1.58 17.06
N LYS A 443 4.35 0.71 18.06
CA LYS A 443 5.47 0.31 18.92
C LYS A 443 5.68 -1.20 18.85
N ASP A 444 6.55 -1.72 19.72
CA ASP A 444 6.90 -3.14 19.72
C ASP A 444 7.40 -3.60 18.36
N ARG A 445 8.33 -2.82 17.79
CA ARG A 445 8.84 -3.08 16.45
C ARG A 445 10.13 -3.90 16.48
N HIS A 446 10.07 -5.11 15.93
CA HIS A 446 11.24 -5.98 15.84
C HIS A 446 11.12 -6.92 14.64
N ASN A 447 12.16 -7.70 14.39
CA ASN A 447 12.26 -8.47 13.15
C ASN A 447 11.32 -9.67 13.12
N GLY A 448 10.76 -10.02 14.27
CA GLY A 448 9.63 -10.93 14.33
C GLY A 448 8.35 -10.35 13.75
N ASN A 449 8.26 -9.02 13.73
CA ASN A 449 7.05 -8.34 13.24
C ASN A 449 7.17 -7.75 11.84
N ILE A 450 8.28 -7.99 11.16
CA ILE A 450 8.43 -7.51 9.79
C ILE A 450 8.65 -8.63 8.78
N LEU A 451 7.77 -8.69 7.79
CA LEU A 451 7.85 -9.71 6.74
C LEU A 451 8.58 -9.18 5.50
N LEU A 452 9.23 -10.10 4.78
CA LEU A 452 9.86 -9.76 3.51
C LEU A 452 9.27 -10.55 2.35
N ASP A 453 8.74 -9.85 1.35
CA ASP A 453 8.12 -10.50 0.20
C ASP A 453 9.13 -10.79 -0.92
N ALA A 454 8.71 -11.57 -1.90
CA ALA A 454 9.62 -12.08 -2.93
C ALA A 454 10.11 -11.00 -3.88
N GLU A 455 9.50 -9.82 -3.83
CA GLU A 455 9.91 -8.72 -4.69
C GLU A 455 10.81 -7.71 -3.98
N GLY A 456 10.95 -7.87 -2.66
CA GLY A 456 11.85 -7.02 -1.90
C GLY A 456 11.18 -6.02 -0.97
N HIS A 457 9.85 -5.97 -1.01
CA HIS A 457 9.11 -5.13 -0.07
C HIS A 457 9.16 -5.72 1.32
N ILE A 458 9.25 -4.86 2.34
CA ILE A 458 8.98 -5.29 3.71
C ILE A 458 7.52 -5.04 4.05
N ILE A 459 7.03 -5.77 5.05
CA ILE A 459 5.63 -5.62 5.47
C ILE A 459 5.46 -5.74 6.99
N HIS A 460 5.03 -4.67 7.63
CA HIS A 460 4.76 -4.69 9.06
C HIS A 460 3.42 -5.40 9.25
N ILE A 461 3.23 -6.05 10.39
CA ILE A 461 2.02 -6.83 10.57
C ILE A 461 1.31 -6.65 11.91
N ASP A 462 2.06 -6.45 12.99
CA ASP A 462 1.44 -6.44 14.31
C ASP A 462 1.13 -5.02 14.81
N PHE A 463 -0.10 -4.58 14.57
CA PHE A 463 -0.51 -3.23 14.90
C PHE A 463 -1.15 -3.16 16.30
N GLY A 464 -0.70 -4.04 17.19
CA GLY A 464 -0.84 -3.79 18.62
C GLY A 464 0.08 -2.66 19.05
N PHE A 465 -0.26 -2.03 20.18
CA PHE A 465 0.56 -0.94 20.71
C PHE A 465 0.57 0.22 19.73
N ILE A 466 -0.58 0.90 19.62
CA ILE A 466 -0.66 2.11 18.80
C ILE A 466 -1.40 3.24 19.49
N LEU A 467 -1.13 4.47 19.04
CA LEU A 467 -1.79 5.67 19.54
C LEU A 467 -1.58 5.89 21.03
N SER A 468 -2.68 6.04 21.76
CA SER A 468 -2.64 6.36 23.19
C SER A 468 -2.13 5.19 24.05
N SER A 469 -2.18 3.98 23.49
CA SER A 469 -1.79 2.80 24.24
C SER A 469 -0.30 2.80 24.56
N SER A 470 0.02 2.56 25.83
CA SER A 470 1.42 2.51 26.26
C SER A 470 1.64 1.35 27.23
N PHE A 481 9.16 2.34 15.20
CA PHE A 481 9.88 1.87 14.02
C PHE A 481 11.38 2.05 14.13
N LYS A 482 12.13 1.03 13.71
CA LYS A 482 13.57 1.01 13.90
C LYS A 482 14.28 0.99 12.54
N LEU A 483 15.26 1.86 12.37
CA LEU A 483 16.08 1.85 11.16
C LEU A 483 17.47 1.30 11.45
N THR A 484 17.56 -0.03 11.54
CA THR A 484 18.82 -0.69 11.87
C THR A 484 19.82 -0.58 10.72
N THR A 485 21.09 -0.76 11.05
CA THR A 485 22.16 -0.63 10.05
C THR A 485 22.08 -1.74 9.02
N GLU A 486 21.49 -2.86 9.40
CA GLU A 486 21.18 -3.94 8.46
C GLU A 486 20.28 -3.45 7.35
N PHE A 487 19.34 -2.58 7.69
CA PHE A 487 18.45 -1.95 6.73
C PHE A 487 19.18 -0.88 5.91
N VAL A 488 20.03 -0.11 6.58
CA VAL A 488 20.78 0.95 5.92
C VAL A 488 21.78 0.39 4.91
N ASP A 489 22.30 -0.81 5.17
CA ASP A 489 23.26 -1.44 4.27
C ASP A 489 22.63 -1.75 2.91
N VAL A 490 21.42 -2.33 2.95
CA VAL A 490 20.68 -2.64 1.73
C VAL A 490 20.43 -1.38 0.89
N MET A 491 20.30 -0.25 1.56
CA MET A 491 20.05 1.02 0.88
C MET A 491 21.32 1.61 0.28
N GLY A 492 22.46 0.95 0.51
CA GLY A 492 23.72 1.43 -0.02
C GLY A 492 24.46 2.38 0.91
N GLY A 493 23.99 2.51 2.13
CA GLY A 493 24.71 3.27 3.14
C GLY A 493 24.20 4.69 3.26
N LEU A 494 24.57 5.35 4.36
CA LEU A 494 23.99 6.65 4.70
C LEU A 494 24.31 7.69 3.63
N ASP A 495 25.47 7.54 2.99
CA ASP A 495 25.88 8.48 1.95
C ASP A 495 25.26 8.08 0.62
N GLY A 496 24.64 6.91 0.60
CA GLY A 496 24.08 6.35 -0.62
C GLY A 496 22.97 7.18 -1.23
N ASP A 497 22.86 7.11 -2.56
CA ASP A 497 21.79 7.77 -3.27
C ASP A 497 20.41 7.18 -2.94
N MET A 498 20.35 5.86 -2.87
CA MET A 498 19.10 5.18 -2.56
C MET A 498 18.61 5.50 -1.17
N PHE A 499 19.53 5.79 -0.26
CA PHE A 499 19.18 6.16 1.11
C PHE A 499 18.62 7.58 1.15
N ASN A 500 19.29 8.50 0.47
CA ASN A 500 18.78 9.85 0.27
C ASN A 500 17.36 9.83 -0.29
N TYR A 501 17.12 8.89 -1.21
CA TYR A 501 15.81 8.75 -1.85
C TYR A 501 14.76 8.32 -0.84
N TYR A 502 15.16 7.44 0.07
CA TYR A 502 14.31 6.99 1.16
C TYR A 502 13.81 8.17 1.98
N LYS A 503 14.70 9.12 2.26
CA LYS A 503 14.33 10.33 2.98
C LYS A 503 13.44 11.21 2.13
N MET A 504 13.72 11.26 0.84
CA MET A 504 12.95 12.07 -0.10
C MET A 504 11.51 11.61 -0.20
N LEU A 505 11.32 10.29 -0.19
CA LEU A 505 9.99 9.69 -0.31
C LEU A 505 9.14 10.00 0.91
N MET A 506 9.77 9.95 2.08
CA MET A 506 9.08 10.17 3.35
C MET A 506 8.47 11.56 3.41
N LEU A 507 9.26 12.57 3.04
CA LEU A 507 8.79 13.95 2.94
C LEU A 507 7.61 14.05 1.97
N GLN A 508 7.81 13.53 0.76
CA GLN A 508 6.77 13.52 -0.26
C GLN A 508 5.48 12.89 0.25
N GLY A 509 5.61 11.74 0.92
CA GLY A 509 4.46 11.02 1.41
C GLY A 509 3.80 11.75 2.55
N LEU A 510 4.56 12.60 3.23
CA LEU A 510 4.05 13.39 4.34
C LEU A 510 3.23 14.56 3.79
N ILE A 511 3.78 15.23 2.79
CA ILE A 511 3.12 16.35 2.13
C ILE A 511 1.78 15.90 1.54
N ALA A 512 1.77 14.68 1.01
CA ALA A 512 0.56 14.10 0.43
C ALA A 512 -0.49 13.86 1.51
N ALA A 513 -0.07 13.29 2.63
CA ALA A 513 -0.98 12.95 3.72
C ALA A 513 -1.69 14.19 4.24
N ARG A 514 -0.94 15.28 4.42
CA ARG A 514 -1.49 16.55 4.89
C ARG A 514 -2.64 17.04 3.99
N LYS A 515 -2.51 16.85 2.69
CA LYS A 515 -3.52 17.29 1.74
C LYS A 515 -4.83 16.52 1.89
N HIS A 516 -4.81 15.46 2.69
CA HIS A 516 -5.98 14.60 2.86
C HIS A 516 -6.15 14.18 4.31
N MET A 517 -5.56 14.96 5.21
CA MET A 517 -5.55 14.68 6.64
C MET A 517 -6.93 14.32 7.20
N ASP A 518 -7.96 15.04 6.74
CA ASP A 518 -9.30 14.92 7.29
C ASP A 518 -9.90 13.55 7.05
N LYS A 519 -9.58 12.97 5.89
CA LYS A 519 -10.03 11.62 5.54
C LYS A 519 -9.53 10.56 6.51
N VAL A 520 -8.32 10.76 7.01
CA VAL A 520 -7.69 9.80 7.92
C VAL A 520 -8.26 9.87 9.33
N VAL A 521 -8.25 11.08 9.90
CA VAL A 521 -8.72 11.30 11.27
C VAL A 521 -10.17 10.84 11.46
N GLN A 522 -11.00 11.09 10.45
CA GLN A 522 -12.40 10.66 10.48
C GLN A 522 -12.53 9.19 10.88
N ILE A 523 -11.76 8.33 10.21
CA ILE A 523 -11.84 6.89 10.44
C ILE A 523 -11.59 6.55 11.90
N VAL A 524 -10.57 7.19 12.48
CA VAL A 524 -10.16 6.91 13.84
C VAL A 524 -11.12 7.56 14.83
N GLU A 525 -11.52 8.80 14.54
CA GLU A 525 -12.25 9.64 15.48
C GLU A 525 -13.64 9.09 15.75
N ILE A 526 -14.27 8.57 14.70
CA ILE A 526 -15.56 7.91 14.82
C ILE A 526 -15.41 6.64 15.66
N MET A 527 -14.34 5.90 15.40
CA MET A 527 -14.14 4.59 16.02
C MET A 527 -13.98 4.74 17.54
N GLN A 528 -13.46 5.88 17.97
CA GLN A 528 -13.22 6.12 19.40
C GLN A 528 -14.53 6.10 20.19
N GLN A 529 -15.65 6.18 19.48
CA GLN A 529 -16.96 6.35 20.11
C GLN A 529 -17.19 5.25 21.14
N GLY A 530 -17.55 5.65 22.35
CA GLY A 530 -17.96 4.72 23.40
C GLY A 530 -17.03 3.54 23.56
N SER A 531 -15.74 3.79 23.35
CA SER A 531 -14.79 2.72 23.06
C SER A 531 -13.96 2.38 24.30
N GLN A 532 -13.69 1.09 24.48
CA GLN A 532 -12.82 0.64 25.57
C GLN A 532 -11.52 0.04 25.05
N LEU A 533 -11.21 0.28 23.79
CA LEU A 533 -9.95 -0.15 23.21
C LEU A 533 -8.77 0.57 23.84
N PRO A 534 -7.68 -0.16 24.12
CA PRO A 534 -6.50 0.40 24.79
C PRO A 534 -5.90 1.58 24.03
N CYS A 535 -6.10 1.59 22.71
CA CYS A 535 -5.56 2.65 21.86
C CYS A 535 -6.28 3.98 22.07
N PHE A 536 -7.43 3.93 22.73
CA PHE A 536 -8.17 5.16 23.06
C PHE A 536 -8.07 5.53 24.53
N HIS A 537 -7.07 4.99 25.24
CA HIS A 537 -6.98 5.17 26.68
C HIS A 537 -6.79 6.63 27.09
N GLY A 538 -6.15 7.42 26.23
CA GLY A 538 -5.84 8.79 26.59
C GLY A 538 -7.04 9.71 26.52
N SER A 539 -6.87 10.94 26.99
CA SER A 539 -7.90 11.96 26.87
C SER A 539 -7.82 12.66 25.52
N SER A 540 -6.65 12.57 24.88
CA SER A 540 -6.37 13.36 23.69
C SER A 540 -5.77 12.52 22.57
N THR A 541 -6.34 11.34 22.35
CA THR A 541 -5.80 10.37 21.42
C THR A 541 -5.83 10.95 20.00
N ILE A 542 -7.02 11.39 19.60
CA ILE A 542 -7.23 11.98 18.28
C ILE A 542 -6.57 13.35 18.13
N ARG A 543 -6.56 14.12 19.21
CA ARG A 543 -5.98 15.46 19.18
C ARG A 543 -4.46 15.39 18.96
N ASN A 544 -3.82 14.43 19.61
CA ASN A 544 -2.38 14.23 19.45
C ASN A 544 -2.09 13.75 18.04
N LEU A 545 -2.99 12.90 17.53
CA LEU A 545 -2.88 12.36 16.18
C LEU A 545 -2.81 13.49 15.14
N LYS A 546 -3.67 14.49 15.31
CA LYS A 546 -3.72 15.61 14.38
C LYS A 546 -2.42 16.42 14.44
N GLU A 547 -1.89 16.59 15.65
CA GLU A 547 -0.62 17.28 15.85
C GLU A 547 0.50 16.61 15.08
N ARG A 548 0.41 15.29 14.95
CA ARG A 548 1.46 14.50 14.31
C ARG A 548 1.49 14.70 12.80
N PHE A 549 0.43 15.29 12.24
CA PHE A 549 0.45 15.69 10.83
C PHE A 549 1.19 17.02 10.62
N HIS A 550 1.40 17.75 11.71
CA HIS A 550 2.08 19.04 11.68
C HIS A 550 1.58 19.98 10.58
N MET A 551 0.26 20.17 10.52
CA MET A 551 -0.36 20.98 9.47
C MET A 551 0.14 22.42 9.44
N SER A 552 0.58 22.92 10.58
CA SER A 552 1.08 24.30 10.68
C SER A 552 2.47 24.48 10.06
N MET A 553 3.22 23.39 9.92
CA MET A 553 4.63 23.48 9.57
C MET A 553 4.84 23.89 8.11
N THR A 554 5.90 24.65 7.86
CA THR A 554 6.37 24.92 6.51
C THR A 554 7.21 23.77 5.98
N GLU A 555 7.33 23.68 4.66
CA GLU A 555 8.04 22.56 4.02
C GLU A 555 9.50 22.49 4.47
N GLU A 556 10.14 23.65 4.60
CA GLU A 556 11.49 23.72 5.16
C GLU A 556 11.54 23.08 6.54
N GLN A 557 10.50 23.35 7.33
CA GLN A 557 10.36 22.78 8.66
C GLN A 557 10.19 21.26 8.60
N LEU A 558 9.51 20.80 7.55
CA LEU A 558 9.20 19.38 7.42
C LEU A 558 10.45 18.60 7.00
N GLN A 559 11.27 19.22 6.15
CA GLN A 559 12.56 18.67 5.77
C GLN A 559 13.37 18.36 7.02
N LEU A 560 13.37 19.31 7.97
CA LEU A 560 14.08 19.17 9.23
C LEU A 560 13.46 18.06 10.07
N LEU A 561 12.14 18.00 10.07
CA LEU A 561 11.39 17.00 10.83
C LEU A 561 11.66 15.59 10.32
N VAL A 562 11.78 15.44 9.01
CA VAL A 562 12.11 14.16 8.40
C VAL A 562 13.49 13.71 8.87
N GLU A 563 14.43 14.65 8.89
CA GLU A 563 15.79 14.38 9.36
C GLU A 563 15.78 13.90 10.82
N GLN A 564 15.02 14.61 11.65
CA GLN A 564 14.92 14.29 13.07
C GLN A 564 14.34 12.89 13.28
N MET A 565 13.28 12.58 12.53
CA MET A 565 12.67 11.25 12.54
C MET A 565 13.69 10.14 12.27
N VAL A 566 14.51 10.35 11.25
CA VAL A 566 15.47 9.34 10.81
C VAL A 566 16.58 9.08 11.83
N ASP A 567 17.17 10.15 12.37
CA ASP A 567 18.16 10.03 13.43
C ASP A 567 17.67 9.16 14.60
N GLY A 568 16.42 9.38 15.01
CA GLY A 568 15.82 8.59 16.06
C GLY A 568 15.71 7.11 15.68
N SER A 569 15.46 6.88 14.40
CA SER A 569 15.16 5.55 13.87
C SER A 569 16.41 4.66 13.81
N MET A 570 17.58 5.27 13.91
CA MET A 570 18.83 4.53 13.76
C MET A 570 19.41 4.01 15.07
N ARG A 571 19.15 4.71 16.19
CA ARG A 571 19.68 4.29 17.48
C ARG A 571 19.35 2.84 17.79
N SER A 572 18.16 2.42 17.33
CA SER A 572 17.59 1.08 17.57
C SER A 572 16.64 1.12 18.76
N ASP B 14 25.93 -4.04 -17.56
CA ASP B 14 27.36 -3.77 -17.67
C ASP B 14 27.73 -2.49 -16.93
N TYR B 15 27.42 -1.36 -17.54
CA TYR B 15 27.77 -0.05 -17.00
C TYR B 15 26.59 0.52 -16.21
N LEU B 16 26.85 1.61 -15.51
CA LEU B 16 25.80 2.31 -14.79
C LEU B 16 25.99 3.81 -14.96
N PHE B 17 25.11 4.42 -15.75
CA PHE B 17 25.23 5.83 -16.06
C PHE B 17 24.22 6.63 -15.26
N LYS B 18 24.73 7.54 -14.43
CA LYS B 18 23.87 8.42 -13.65
C LYS B 18 23.67 9.72 -14.40
N VAL B 19 22.41 10.04 -14.69
CA VAL B 19 22.10 11.26 -15.43
C VAL B 19 21.10 12.12 -14.65
N VAL B 20 21.30 13.42 -14.69
CA VAL B 20 20.39 14.34 -14.02
C VAL B 20 19.63 15.19 -15.03
N LEU B 21 18.39 15.51 -14.69
CA LEU B 21 17.61 16.48 -15.45
C LEU B 21 17.47 17.77 -14.65
N ILE B 22 17.93 18.87 -15.23
CA ILE B 22 17.81 20.16 -14.58
C ILE B 22 17.16 21.20 -15.47
N GLY B 23 16.63 22.24 -14.85
CA GLY B 23 16.00 23.32 -15.58
C GLY B 23 14.98 24.02 -14.70
N ASP B 24 14.47 25.14 -15.18
CA ASP B 24 13.45 25.88 -14.44
C ASP B 24 12.22 25.01 -14.25
N SER B 25 11.42 25.32 -13.24
CA SER B 25 10.19 24.57 -12.98
C SER B 25 9.22 24.79 -14.13
N GLY B 26 8.67 23.71 -14.67
CA GLY B 26 7.68 23.82 -15.71
C GLY B 26 8.19 23.46 -17.10
N VAL B 27 9.51 23.31 -17.24
CA VAL B 27 10.10 23.13 -18.57
C VAL B 27 9.82 21.75 -19.16
N GLY B 28 9.51 20.78 -18.31
CA GLY B 28 9.07 19.47 -18.79
C GLY B 28 9.92 18.26 -18.44
N LYS B 29 10.79 18.40 -17.44
CA LYS B 29 11.70 17.32 -17.04
C LYS B 29 10.97 16.01 -16.69
N SER B 30 9.93 16.11 -15.87
CA SER B 30 9.25 14.94 -15.33
C SER B 30 8.47 14.12 -16.36
N ASN B 31 7.96 14.79 -17.39
CA ASN B 31 7.24 14.10 -18.45
C ASN B 31 8.20 13.51 -19.48
N LEU B 32 9.32 14.19 -19.69
CA LEU B 32 10.44 13.63 -20.42
C LEU B 32 10.85 12.28 -19.85
N LEU B 33 10.98 12.23 -18.53
CA LEU B 33 11.35 11.02 -17.81
C LEU B 33 10.31 9.91 -17.96
N SER B 34 9.03 10.27 -17.90
CA SER B 34 7.97 9.27 -17.95
C SER B 34 7.75 8.74 -19.36
N ARG B 35 7.97 9.60 -20.35
CA ARG B 35 7.90 9.20 -21.75
C ARG B 35 9.03 8.22 -22.06
N PHE B 36 10.25 8.65 -21.79
CA PHE B 36 11.45 7.89 -22.11
C PHE B 36 11.54 6.57 -21.35
N THR B 37 11.10 6.56 -20.09
CA THR B 37 11.27 5.39 -19.23
C THR B 37 10.01 4.56 -19.03
N ARG B 38 8.84 5.21 -19.09
CA ARG B 38 7.58 4.46 -19.02
C ARG B 38 6.65 4.65 -20.22
N ASN B 39 7.07 5.45 -21.19
CA ASN B 39 6.26 5.73 -22.38
C ASN B 39 4.90 6.22 -21.93
N GLU B 40 4.90 7.18 -21.01
CA GLU B 40 3.68 7.76 -20.49
C GLU B 40 3.77 9.28 -20.40
N PHE B 41 2.64 9.94 -20.55
CA PHE B 41 2.60 11.39 -20.47
C PHE B 41 1.33 11.79 -19.75
N ASN B 42 1.35 12.96 -19.12
CA ASN B 42 0.15 13.53 -18.53
C ASN B 42 0.15 15.05 -18.49
N LEU B 43 -0.99 15.63 -18.88
CA LEU B 43 -1.20 17.07 -18.81
C LEU B 43 -1.33 17.57 -17.37
N GLU B 44 -2.05 16.82 -16.54
CA GLU B 44 -2.17 17.18 -15.14
C GLU B 44 -0.86 16.86 -14.41
N SER B 45 -0.49 17.76 -13.49
CA SER B 45 0.84 17.71 -12.90
C SER B 45 0.87 17.96 -11.38
N LYS B 46 1.39 16.98 -10.67
CA LYS B 46 1.70 17.14 -9.25
C LYS B 46 3.16 17.56 -9.16
N SER B 47 3.46 18.64 -8.44
CA SER B 47 4.81 19.19 -8.44
C SER B 47 5.77 18.15 -7.87
N THR B 48 6.96 18.09 -8.42
CA THR B 48 8.02 17.26 -7.87
C THR B 48 8.61 17.80 -6.58
N ILE B 49 8.55 16.99 -5.53
CA ILE B 49 9.09 17.41 -4.25
C ILE B 49 10.52 16.89 -4.14
N GLY B 50 11.47 17.78 -4.38
CA GLY B 50 12.88 17.48 -4.30
C GLY B 50 13.51 16.80 -5.49
N VAL B 51 13.41 15.48 -5.53
CA VAL B 51 14.08 14.66 -6.54
C VAL B 51 13.33 13.35 -6.82
N GLU B 52 13.42 12.89 -8.07
CA GLU B 52 12.97 11.56 -8.48
C GLU B 52 14.10 10.99 -9.32
N PHE B 53 14.28 9.67 -9.31
CA PHE B 53 14.81 9.03 -10.51
C PHE B 53 13.89 8.02 -11.17
N ALA B 54 14.32 7.58 -12.35
CA ALA B 54 13.72 6.48 -13.06
C ALA B 54 14.79 5.81 -13.91
N THR B 55 14.60 4.54 -14.26
CA THR B 55 15.66 3.78 -14.90
C THR B 55 15.14 2.94 -16.07
N ARG B 56 15.97 2.81 -17.09
CA ARG B 56 15.68 1.96 -18.23
C ARG B 56 17.00 1.58 -18.89
N SER B 57 17.11 0.34 -19.35
CA SER B 57 18.35 -0.14 -19.95
C SER B 57 18.27 -0.16 -21.46
N ILE B 58 19.36 0.27 -22.11
CA ILE B 58 19.46 0.20 -23.56
C ILE B 58 20.82 -0.34 -23.96
N GLN B 59 20.99 -0.61 -25.25
CA GLN B 59 22.28 -1.03 -25.78
C GLN B 59 22.85 -0.01 -26.75
N VAL B 60 24.11 0.36 -26.54
CA VAL B 60 24.83 1.19 -27.47
C VAL B 60 26.16 0.57 -27.86
N ASP B 61 26.44 0.54 -29.16
CA ASP B 61 27.65 -0.07 -29.71
C ASP B 61 27.91 -1.48 -29.19
N GLY B 62 26.84 -2.26 -29.05
CA GLY B 62 26.95 -3.67 -28.70
C GLY B 62 26.98 -3.97 -27.21
N LYS B 63 26.78 -2.96 -26.38
CA LYS B 63 26.94 -3.13 -24.94
C LYS B 63 25.66 -2.79 -24.18
N THR B 64 25.29 -3.66 -23.24
CA THR B 64 24.09 -3.42 -22.44
C THR B 64 24.39 -2.39 -21.34
N ILE B 65 23.80 -1.21 -21.45
CA ILE B 65 23.94 -0.19 -20.41
C ILE B 65 22.62 0.01 -19.65
N LYS B 66 22.71 0.56 -18.45
CA LYS B 66 21.53 0.96 -17.70
C LYS B 66 21.67 2.41 -17.26
N ALA B 67 20.70 3.24 -17.65
CA ALA B 67 20.77 4.65 -17.34
C ALA B 67 19.91 4.98 -16.11
N GLN B 68 20.48 5.76 -15.20
CA GLN B 68 19.73 6.23 -14.03
C GLN B 68 19.50 7.73 -14.14
N ILE B 69 18.27 8.14 -14.37
CA ILE B 69 17.98 9.55 -14.60
C ILE B 69 17.40 10.20 -13.35
N TRP B 70 17.92 11.35 -12.95
CA TRP B 70 17.43 12.05 -11.77
C TRP B 70 16.74 13.38 -12.10
N ASP B 71 15.45 13.46 -11.81
CA ASP B 71 14.68 14.67 -12.07
C ASP B 71 14.61 15.56 -10.83
N THR B 72 15.34 16.67 -10.83
CA THR B 72 15.27 17.62 -9.72
C THR B 72 14.13 18.62 -9.93
N ARG B 79 14.80 26.93 -4.57
CA ARG B 79 14.41 26.18 -3.38
C ARG B 79 15.62 25.55 -2.72
N ALA B 80 15.37 24.71 -1.71
CA ALA B 80 16.45 24.05 -0.96
C ALA B 80 17.28 23.14 -1.84
N ILE B 81 18.60 23.18 -1.70
CA ILE B 81 19.45 22.46 -2.63
C ILE B 81 20.61 21.70 -1.98
N THR B 82 20.40 20.42 -1.75
CA THR B 82 21.46 19.52 -1.28
C THR B 82 22.45 19.27 -2.41
N SER B 83 23.66 19.83 -2.35
CA SER B 83 24.52 19.79 -3.54
C SER B 83 24.99 18.37 -3.82
N ALA B 84 24.70 17.46 -2.91
CA ALA B 84 25.17 16.08 -2.97
C ALA B 84 24.69 15.29 -4.18
N TYR B 85 23.47 15.55 -4.65
CA TYR B 85 22.89 14.74 -5.73
C TYR B 85 23.60 14.95 -7.06
N TYR B 86 24.28 16.09 -7.22
CA TYR B 86 25.05 16.36 -8.43
C TYR B 86 26.22 15.37 -8.55
N ARG B 87 26.79 15.01 -7.41
CA ARG B 87 27.85 14.01 -7.28
C ARG B 87 27.70 12.71 -8.09
N GLY B 88 28.76 12.33 -8.81
CA GLY B 88 28.75 11.16 -9.66
C GLY B 88 27.75 11.07 -10.78
N ALA B 89 27.59 12.17 -11.50
CA ALA B 89 26.74 12.22 -12.69
C ALA B 89 27.63 12.33 -13.92
N VAL B 90 27.55 11.33 -14.80
CA VAL B 90 28.30 11.37 -16.05
C VAL B 90 27.65 12.27 -17.09
N GLY B 91 26.33 12.43 -17.00
CA GLY B 91 25.61 13.22 -17.98
C GLY B 91 24.49 14.02 -17.33
N ALA B 92 24.19 15.17 -17.92
CA ALA B 92 23.09 16.00 -17.44
C ALA B 92 22.30 16.61 -18.59
N LEU B 93 21.01 16.36 -18.62
CA LEU B 93 20.12 17.04 -19.56
C LEU B 93 19.58 18.34 -18.99
N LEU B 94 20.00 19.46 -19.57
CA LEU B 94 19.55 20.77 -19.12
C LEU B 94 18.41 21.22 -20.02
N VAL B 95 17.21 21.34 -19.45
CA VAL B 95 16.01 21.54 -20.25
C VAL B 95 15.40 22.91 -20.04
N TYR B 96 14.93 23.50 -21.13
CA TYR B 96 14.17 24.74 -21.10
C TYR B 96 12.89 24.61 -21.92
N ASP B 97 11.90 25.44 -21.63
CA ASP B 97 10.66 25.46 -22.40
C ASP B 97 10.78 26.45 -23.56
N ILE B 98 10.75 25.91 -24.77
CA ILE B 98 10.78 26.70 -25.99
C ILE B 98 9.72 27.80 -26.00
N ALA B 99 8.61 27.55 -25.31
CA ALA B 99 7.47 28.47 -25.32
C ALA B 99 7.52 29.49 -24.19
N LYS B 100 8.56 29.42 -23.36
CA LYS B 100 8.73 30.38 -22.28
C LYS B 100 10.15 30.94 -22.26
N HIS B 101 10.32 32.11 -22.86
CA HIS B 101 11.64 32.68 -23.08
C HIS B 101 12.47 32.74 -21.80
N LEU B 102 11.80 33.11 -20.71
CA LEU B 102 12.48 33.25 -19.41
C LEU B 102 13.19 31.95 -19.03
N THR B 103 12.56 30.83 -19.34
CA THR B 103 13.13 29.52 -19.03
C THR B 103 14.43 29.32 -19.81
N TYR B 104 14.46 29.88 -21.01
CA TYR B 104 15.66 29.89 -21.83
C TYR B 104 16.64 30.90 -21.26
N GLU B 105 16.10 32.00 -20.75
CA GLU B 105 16.91 33.07 -20.18
C GLU B 105 17.70 32.56 -18.98
N ASN B 106 17.08 31.70 -18.19
CA ASN B 106 17.71 31.18 -16.99
C ASN B 106 18.70 30.06 -17.28
N VAL B 107 18.85 29.72 -18.56
CA VAL B 107 19.78 28.67 -18.95
C VAL B 107 21.21 29.11 -18.66
N GLU B 108 21.42 30.42 -18.62
CA GLU B 108 22.72 30.99 -18.29
C GLU B 108 23.04 30.80 -16.81
N ARG B 109 22.03 30.97 -15.96
CA ARG B 109 22.21 30.81 -14.53
C ARG B 109 22.31 29.34 -14.15
N TRP B 110 21.71 28.49 -14.98
CA TRP B 110 21.76 27.04 -14.76
C TRP B 110 23.09 26.43 -15.15
N LEU B 111 23.88 27.14 -15.95
CA LEU B 111 25.19 26.65 -16.33
C LEU B 111 26.34 27.11 -15.43
N LYS B 112 26.19 28.28 -14.81
CA LYS B 112 27.14 28.70 -13.78
C LYS B 112 27.08 27.84 -12.52
N GLU B 113 25.86 27.50 -12.11
CA GLU B 113 25.60 26.51 -11.06
C GLU B 113 26.29 25.17 -11.25
N LEU B 114 25.95 24.50 -12.35
CA LEU B 114 26.53 23.21 -12.74
C LEU B 114 28.05 23.12 -12.82
N ARG B 115 28.75 24.23 -13.00
CA ARG B 115 30.21 24.16 -12.99
C ARG B 115 30.77 24.31 -11.58
N ASP B 116 30.08 25.08 -10.75
CA ASP B 116 30.33 25.08 -9.31
C ASP B 116 30.08 23.78 -8.54
N HIS B 117 29.06 23.02 -8.93
CA HIS B 117 28.64 21.87 -8.12
C HIS B 117 28.68 20.49 -8.79
N ALA B 118 29.33 20.39 -9.95
CA ALA B 118 29.30 19.14 -10.71
C ALA B 118 30.61 18.93 -11.44
N ASP B 119 30.85 17.68 -11.83
CA ASP B 119 32.09 17.29 -12.50
C ASP B 119 32.39 18.26 -13.65
N SER B 120 33.63 18.73 -13.72
CA SER B 120 34.00 19.72 -14.72
C SER B 120 34.19 19.09 -16.10
N ASN B 121 34.08 17.77 -16.17
CA ASN B 121 34.22 17.06 -17.43
C ASN B 121 33.01 16.17 -17.68
N ILE B 122 31.82 16.76 -17.59
CA ILE B 122 30.56 16.05 -17.70
C ILE B 122 29.89 16.31 -19.05
N VAL B 123 29.21 15.31 -19.58
CA VAL B 123 28.51 15.48 -20.84
C VAL B 123 27.14 16.12 -20.61
N ILE B 124 26.90 17.22 -21.29
CA ILE B 124 25.65 17.97 -21.15
C ILE B 124 24.88 18.05 -22.46
N MET B 125 23.57 17.79 -22.40
CA MET B 125 22.70 18.08 -23.52
C MET B 125 21.68 19.15 -23.17
N LEU B 126 21.60 20.18 -24.02
CA LEU B 126 20.57 21.20 -23.92
C LEU B 126 19.29 20.70 -24.60
N VAL B 127 18.16 20.86 -23.92
CA VAL B 127 16.90 20.35 -24.46
C VAL B 127 15.81 21.41 -24.48
N GLY B 128 15.33 21.72 -25.67
CA GLY B 128 14.14 22.51 -25.85
C GLY B 128 12.92 21.61 -25.93
N ASN B 129 12.08 21.65 -24.91
CA ASN B 129 10.92 20.78 -24.87
C ASN B 129 9.63 21.50 -25.27
N LYS B 130 8.62 20.74 -25.65
CA LYS B 130 7.33 21.26 -26.09
C LYS B 130 7.43 21.89 -27.48
N SER B 131 8.09 21.19 -28.39
CA SER B 131 8.27 21.68 -29.76
C SER B 131 6.96 21.62 -30.55
N ASP B 132 6.02 20.82 -30.05
CA ASP B 132 4.68 20.71 -30.63
C ASP B 132 3.89 22.03 -30.58
N LEU B 133 4.19 22.87 -29.60
CA LEU B 133 3.56 24.17 -29.51
C LEU B 133 4.16 25.17 -30.49
N ARG B 134 4.07 24.84 -31.78
CA ARG B 134 4.64 25.63 -32.85
C ARG B 134 4.23 27.11 -32.81
N HIS B 135 2.93 27.35 -32.70
CA HIS B 135 2.39 28.70 -32.80
C HIS B 135 2.68 29.55 -31.57
N LEU B 136 3.10 28.91 -30.48
CA LEU B 136 3.41 29.63 -29.25
C LEU B 136 4.92 29.74 -29.04
N ARG B 137 5.68 29.31 -30.05
CA ARG B 137 7.14 29.27 -29.95
C ARG B 137 7.75 30.62 -29.59
N ALA B 138 8.56 30.64 -28.54
CA ALA B 138 9.20 31.86 -28.07
C ALA B 138 10.72 31.77 -28.15
N VAL B 139 11.21 30.62 -28.62
CA VAL B 139 12.65 30.40 -28.76
C VAL B 139 12.97 29.72 -30.08
N PRO B 140 13.62 30.45 -31.00
CA PRO B 140 13.91 29.91 -32.33
C PRO B 140 15.01 28.84 -32.29
N THR B 141 14.82 27.78 -33.07
CA THR B 141 15.74 26.64 -33.10
C THR B 141 17.17 27.06 -33.45
N ASP B 142 17.29 28.05 -34.33
CA ASP B 142 18.60 28.55 -34.76
C ASP B 142 19.36 29.23 -33.63
N GLU B 143 18.69 30.13 -32.91
CA GLU B 143 19.30 30.81 -31.78
C GLU B 143 19.84 29.84 -30.73
N ALA B 144 19.08 28.78 -30.48
CA ALA B 144 19.47 27.80 -29.46
C ALA B 144 20.70 27.01 -29.92
N ARG B 145 20.61 26.41 -31.10
CA ARG B 145 21.72 25.61 -31.63
C ARG B 145 22.96 26.45 -31.88
N ALA B 146 22.76 27.73 -32.18
CA ALA B 146 23.88 28.67 -32.28
C ALA B 146 24.59 28.74 -30.93
N PHE B 147 23.83 29.07 -29.88
CA PHE B 147 24.35 29.05 -28.52
C PHE B 147 24.87 27.66 -28.16
N ALA B 148 24.21 26.64 -28.73
CA ALA B 148 24.51 25.25 -28.45
C ALA B 148 25.94 24.88 -28.83
N GLU B 149 26.32 25.22 -30.07
CA GLU B 149 27.61 24.87 -30.61
C GLU B 149 28.63 25.99 -30.37
N LYS B 150 28.12 27.18 -30.05
CA LYS B 150 28.95 28.25 -29.49
C LYS B 150 29.61 27.80 -28.20
N ASN B 151 28.94 26.90 -27.48
CA ASN B 151 29.48 26.37 -26.23
C ASN B 151 29.88 24.91 -26.38
N GLY B 152 30.06 24.21 -25.26
CA GLY B 152 30.36 22.78 -25.33
C GLY B 152 29.22 21.85 -24.94
N LEU B 153 28.00 22.19 -25.35
CA LEU B 153 26.84 21.38 -25.04
C LEU B 153 26.26 20.78 -26.31
N SER B 154 25.74 19.55 -26.21
CA SER B 154 24.95 18.99 -27.31
C SER B 154 23.51 19.49 -27.22
N PHE B 155 22.81 19.52 -28.35
CA PHE B 155 21.54 20.22 -28.43
C PHE B 155 20.48 19.47 -29.24
N ILE B 156 19.24 19.55 -28.76
CA ILE B 156 18.10 18.93 -29.43
C ILE B 156 16.82 19.54 -28.89
N GLU B 157 15.75 19.46 -29.68
CA GLU B 157 14.43 19.86 -29.19
C GLU B 157 13.49 18.68 -29.14
N THR B 158 12.76 18.54 -28.04
CA THR B 158 11.85 17.43 -27.88
C THR B 158 10.42 17.88 -27.60
N SER B 159 9.48 16.95 -27.79
CA SER B 159 8.14 17.08 -27.27
C SER B 159 7.78 15.81 -26.51
N ALA B 160 7.68 15.90 -25.19
CA ALA B 160 7.18 14.79 -24.39
C ALA B 160 5.76 14.46 -24.84
N LEU B 161 5.06 15.49 -25.28
CA LEU B 161 3.66 15.36 -25.69
C LEU B 161 3.57 14.48 -26.93
N ASP B 162 4.29 14.86 -27.98
CA ASP B 162 4.32 14.07 -29.21
C ASP B 162 5.42 12.99 -29.23
N SER B 163 6.43 13.15 -28.39
CA SER B 163 7.49 12.14 -28.25
C SER B 163 8.29 11.83 -29.52
N THR B 164 8.41 12.81 -30.41
CA THR B 164 9.26 12.71 -31.59
C THR B 164 10.78 12.55 -31.39
N ASN B 165 11.38 13.45 -30.61
CA ASN B 165 12.78 13.38 -30.19
C ASN B 165 13.22 12.81 -28.83
N VAL B 166 12.32 12.23 -28.06
CA VAL B 166 12.70 11.76 -26.72
C VAL B 166 13.63 10.54 -26.71
N GLU B 167 13.29 9.49 -27.45
CA GLU B 167 14.21 8.36 -27.60
C GLU B 167 15.57 8.79 -28.14
N ALA B 168 15.57 9.54 -29.24
CA ALA B 168 16.81 10.00 -29.87
C ALA B 168 17.73 10.71 -28.87
N ALA B 169 17.14 11.57 -28.03
CA ALA B 169 17.90 12.39 -27.10
C ALA B 169 18.74 11.57 -26.13
N PHE B 170 18.10 10.65 -25.42
CA PHE B 170 18.81 9.75 -24.51
C PHE B 170 19.88 8.93 -25.21
N GLN B 171 19.51 8.26 -26.30
CA GLN B 171 20.43 7.38 -26.99
C GLN B 171 21.62 8.14 -27.54
N THR B 172 21.38 9.39 -27.95
CA THR B 172 22.44 10.28 -28.36
C THR B 172 23.41 10.55 -27.21
N ILE B 173 22.86 11.02 -26.09
CA ILE B 173 23.71 11.41 -24.96
C ILE B 173 24.40 10.18 -24.38
N LEU B 174 23.72 9.05 -24.41
CA LEU B 174 24.29 7.82 -23.87
C LEU B 174 25.40 7.33 -24.78
N THR B 175 25.19 7.43 -26.09
CA THR B 175 26.23 7.09 -27.05
C THR B 175 27.39 8.06 -26.88
N GLU B 176 27.06 9.34 -26.89
CA GLU B 176 28.02 10.41 -26.65
C GLU B 176 28.82 10.15 -25.38
N ILE B 177 28.11 9.78 -24.32
CA ILE B 177 28.74 9.45 -23.03
C ILE B 177 29.76 8.31 -23.11
N TYR B 178 29.28 7.16 -23.57
CA TYR B 178 30.13 6.00 -23.64
C TYR B 178 31.44 6.38 -24.31
N ARG B 179 31.46 7.53 -24.96
CA ARG B 179 32.65 7.91 -25.66
C ARG B 179 33.57 8.51 -24.65
N ILE B 180 34.05 7.66 -23.76
CA ILE B 180 35.11 8.04 -22.85
C ILE B 180 36.35 7.21 -23.13
N VAL B 181 36.19 6.21 -23.99
CA VAL B 181 37.27 5.30 -24.36
C VAL B 181 36.64 4.08 -25.00
#